data_5Q18
#
_entry.id   5Q18
#
_cell.length_a   72.234
_cell.length_b   82.975
_cell.length_c   190.517
_cell.angle_alpha   90.000
_cell.angle_beta   90.000
_cell.angle_gamma   90.000
#
_symmetry.space_group_name_H-M   'C 2 2 21'
#
loop_
_entity.id
_entity.type
_entity.pdbx_description
1 polymer 'Bile acid receptor'
2 polymer 'COACTIVATOR PEPTIDE SRC-1 HD3'
3 non-polymer (2S)-2-cyclohexyl-2-{5,6-difluoro-2-[(R)-methoxy(phenyl)methyl]-1H-benzimidazol-1-yl}-N-(trans-4-hydroxycyclohexyl)acetamide
4 water water
#
loop_
_entity_poly.entity_id
_entity_poly.type
_entity_poly.pdbx_seq_one_letter_code
_entity_poly.pdbx_strand_id
1 'polypeptide(L)'
;GSHMELTPDQQTLLHFIMDSYNKQRMPQEITNKILKEAFSAEENFLILTEMATNHVQVLVEFTKKLPGFQTLDHEDQIAL
LKGSAVEAMFLRSAEIFNKKLPSGHSDLLEARIRNSGISDEYITPMFSFYKSIGELKMTQEEYALLTAIVILSPDRQYIK
DREAVEKLQEPLLDVLQKLCKIHQPENPQHFACLLGRLTELRTFNHHHAEMLMSWRVNDHKFTPLLCEIWDVQ
;
A,C
2 'polypeptide(L)' KDHQLLRYLLDKDE B,D
#
loop_
_chem_comp.id
_chem_comp.type
_chem_comp.name
_chem_comp.formula
9MY non-polymer (2S)-2-cyclohexyl-2-{5,6-difluoro-2-[(R)-methoxy(phenyl)methyl]-1H-benzimidazol-1-yl}-N-(trans-4-hydroxycyclohexyl)acetamide 'C29 H35 F2 N3 O3'
#
# COMPACT_ATOMS: atom_id res chain seq x y z
N MET A 4 -1.35 16.97 -45.22
CA MET A 4 -0.42 15.85 -45.22
C MET A 4 0.94 16.23 -44.61
N GLU A 5 1.69 17.16 -45.24
CA GLU A 5 3.02 17.61 -44.79
C GLU A 5 2.98 19.00 -44.13
N LEU A 6 3.84 19.25 -43.11
CA LEU A 6 3.90 20.54 -42.42
C LEU A 6 4.49 21.62 -43.30
N THR A 7 3.93 22.85 -43.23
CA THR A 7 4.43 24.01 -43.98
C THR A 7 5.60 24.61 -43.19
N PRO A 8 6.48 25.46 -43.81
CA PRO A 8 7.58 26.09 -43.04
C PRO A 8 7.08 26.84 -41.79
N ASP A 9 5.92 27.53 -41.87
CA ASP A 9 5.29 28.23 -40.76
C ASP A 9 4.87 27.26 -39.66
N GLN A 10 4.36 26.10 -40.05
CA GLN A 10 3.91 25.08 -39.11
C GLN A 10 5.10 24.45 -38.39
N GLN A 11 6.22 24.19 -39.12
CA GLN A 11 7.44 23.64 -38.52
C GLN A 11 8.00 24.63 -37.53
N THR A 12 7.92 25.94 -37.87
CA THR A 12 8.35 27.06 -37.02
C THR A 12 7.52 27.07 -35.73
N LEU A 13 6.19 27.01 -35.84
CA LEU A 13 5.26 26.99 -34.71
C LEU A 13 5.52 25.79 -33.81
N LEU A 14 5.71 24.60 -34.41
CA LEU A 14 6.00 23.35 -33.70
C LEU A 14 7.28 23.43 -32.86
N HIS A 15 8.40 23.87 -33.47
CA HIS A 15 9.67 23.93 -32.77
C HIS A 15 9.62 24.96 -31.64
N PHE A 16 8.90 26.08 -31.85
CA PHE A 16 8.71 27.14 -30.85
C PHE A 16 7.89 26.62 -29.65
N ILE A 17 6.80 25.86 -29.91
CA ILE A 17 5.97 25.28 -28.84
C ILE A 17 6.82 24.28 -28.05
N MET A 18 7.58 23.42 -28.77
CA MET A 18 8.46 22.44 -28.14
C MET A 18 9.49 23.08 -27.21
N ASP A 19 10.21 24.12 -27.71
CA ASP A 19 11.21 24.83 -26.91
C ASP A 19 10.59 25.36 -25.63
N SER A 20 9.42 26.01 -25.74
CA SER A 20 8.69 26.58 -24.61
C SER A 20 8.22 25.48 -23.66
N TYR A 21 7.73 24.34 -24.19
CA TYR A 21 7.24 23.23 -23.37
C TYR A 21 8.36 22.57 -22.55
N ASN A 22 9.59 22.52 -23.11
CA ASN A 22 10.74 21.89 -22.49
C ASN A 22 11.35 22.66 -21.32
N LYS A 23 10.78 23.83 -20.96
CA LYS A 23 11.24 24.61 -19.81
C LYS A 23 10.74 24.03 -18.48
N GLN A 24 9.91 22.99 -18.55
CA GLN A 24 9.34 22.30 -17.39
C GLN A 24 10.38 21.46 -16.68
N ARG A 25 10.09 21.07 -15.42
CA ARG A 25 10.92 20.15 -14.66
C ARG A 25 10.90 18.82 -15.40
N MET A 26 12.05 18.18 -15.51
CA MET A 26 12.20 16.91 -16.21
C MET A 26 11.43 15.79 -15.51
N PRO A 27 10.86 14.80 -16.25
CA PRO A 27 10.12 13.71 -15.59
C PRO A 27 10.92 12.99 -14.51
N GLN A 28 12.22 12.73 -14.77
CA GLN A 28 13.15 12.06 -13.85
C GLN A 28 13.25 12.79 -12.52
N GLU A 29 13.25 14.15 -12.53
CA GLU A 29 13.30 14.95 -11.30
C GLU A 29 12.10 14.63 -10.38
N ILE A 30 10.93 14.39 -10.98
CA ILE A 30 9.69 14.08 -10.28
C ILE A 30 9.67 12.62 -9.80
N THR A 31 9.90 11.67 -10.73
CA THR A 31 9.89 10.23 -10.41
C THR A 31 11.00 9.83 -9.45
N ASN A 32 12.22 10.43 -9.55
CA ASN A 32 13.32 10.15 -8.61
C ASN A 32 12.91 10.46 -7.18
N LYS A 33 12.23 11.60 -6.96
CA LYS A 33 11.74 12.02 -5.65
C LYS A 33 10.78 10.97 -5.05
N ILE A 34 9.76 10.57 -5.82
CA ILE A 34 8.74 9.57 -5.43
C ILE A 34 9.33 8.16 -5.24
N LEU A 35 10.22 7.72 -6.16
CA LEU A 35 10.84 6.39 -6.10
C LEU A 35 11.94 6.24 -5.05
N LYS A 36 12.57 7.37 -4.63
CA LYS A 36 13.68 7.39 -3.68
C LYS A 36 13.33 6.71 -2.37
N GLU A 37 12.25 7.17 -1.72
CA GLU A 37 11.80 6.62 -0.45
C GLU A 37 10.30 6.73 -0.28
N ALA A 38 9.74 5.92 0.63
CA ALA A 38 8.32 5.95 0.95
C ALA A 38 8.07 7.13 1.87
N PHE A 39 7.15 8.01 1.49
CA PHE A 39 6.83 9.18 2.29
C PHE A 39 5.49 8.99 2.98
N SER A 40 5.28 9.72 4.09
CA SER A 40 4.03 9.68 4.84
C SER A 40 3.00 10.51 4.04
N ALA A 41 1.70 10.41 4.42
CA ALA A 41 0.63 11.19 3.79
C ALA A 41 0.92 12.70 3.93
N GLU A 42 1.47 13.12 5.10
CA GLU A 42 1.83 14.53 5.39
C GLU A 42 2.96 15.02 4.47
N GLU A 43 4.01 14.20 4.27
CA GLU A 43 5.12 14.55 3.36
C GLU A 43 4.66 14.59 1.90
N ASN A 44 3.77 13.67 1.50
CA ASN A 44 3.25 13.61 0.13
C ASN A 44 2.39 14.83 -0.21
N PHE A 45 1.59 15.32 0.76
CA PHE A 45 0.77 16.51 0.54
C PHE A 45 1.66 17.71 0.20
N LEU A 46 2.76 17.91 0.96
CA LEU A 46 3.67 19.02 0.72
C LEU A 46 4.46 18.87 -0.58
N ILE A 47 4.81 17.62 -0.95
CA ILE A 47 5.49 17.34 -2.22
C ILE A 47 4.55 17.78 -3.35
N LEU A 48 3.25 17.44 -3.23
CA LEU A 48 2.27 17.81 -4.24
C LEU A 48 2.09 19.33 -4.34
N THR A 49 1.99 20.04 -3.21
CA THR A 49 1.79 21.49 -3.27
C THR A 49 2.99 22.19 -3.86
N GLU A 50 4.22 21.72 -3.56
CA GLU A 50 5.46 22.28 -4.11
C GLU A 50 5.50 22.00 -5.64
N MET A 51 5.22 20.75 -6.07
CA MET A 51 5.19 20.36 -7.49
C MET A 51 4.13 21.14 -8.26
N ALA A 52 2.92 21.25 -7.69
CA ALA A 52 1.80 21.96 -8.34
C ALA A 52 2.09 23.45 -8.44
N THR A 53 2.74 24.05 -7.42
CA THR A 53 3.09 25.47 -7.44
C THR A 53 4.10 25.73 -8.56
N ASN A 54 5.13 24.87 -8.67
CA ASN A 54 6.12 24.99 -9.74
C ASN A 54 5.44 24.82 -11.11
N HIS A 55 4.52 23.85 -11.22
CA HIS A 55 3.79 23.59 -12.45
C HIS A 55 3.01 24.82 -12.91
N VAL A 56 2.30 25.49 -11.98
CA VAL A 56 1.49 26.70 -12.34
C VAL A 56 2.42 27.81 -12.83
N GLN A 57 3.56 28.01 -12.17
CA GLN A 57 4.53 29.03 -12.58
C GLN A 57 5.04 28.77 -14.00
N VAL A 58 5.42 27.52 -14.27
CA VAL A 58 5.95 27.12 -15.59
C VAL A 58 4.82 27.23 -16.64
N LEU A 59 3.60 26.86 -16.24
CA LEU A 59 2.41 26.92 -17.10
C LEU A 59 2.12 28.34 -17.55
N VAL A 60 2.15 29.31 -16.62
CA VAL A 60 1.90 30.71 -16.96
C VAL A 60 2.96 31.19 -17.98
N GLU A 61 4.25 30.80 -17.80
CA GLU A 61 5.32 31.18 -18.73
C GLU A 61 5.09 30.56 -20.11
N PHE A 62 4.68 29.30 -20.16
CA PHE A 62 4.38 28.59 -21.42
C PHE A 62 3.20 29.27 -22.13
N THR A 63 2.16 29.63 -21.35
CA THR A 63 0.93 30.26 -21.84
C THR A 63 1.20 31.63 -22.46
N LYS A 64 1.98 32.51 -21.79
CA LYS A 64 2.27 33.83 -22.36
C LYS A 64 3.08 33.75 -23.66
N LYS A 65 3.78 32.63 -23.92
CA LYS A 65 4.56 32.45 -25.16
C LYS A 65 3.70 31.94 -26.32
N LEU A 66 2.47 31.48 -26.05
CA LEU A 66 1.57 30.96 -27.07
C LEU A 66 1.22 32.11 -28.02
N PRO A 67 1.40 31.93 -29.36
CA PRO A 67 1.14 33.07 -30.28
C PRO A 67 -0.23 33.71 -30.10
N GLY A 68 -0.22 35.02 -29.92
CA GLY A 68 -1.42 35.81 -29.73
C GLY A 68 -2.00 35.87 -28.34
N PHE A 69 -1.53 35.02 -27.39
CA PHE A 69 -2.09 35.02 -26.02
C PHE A 69 -2.04 36.40 -25.36
N GLN A 70 -0.92 37.14 -25.52
CA GLN A 70 -0.77 38.46 -24.93
C GLN A 70 -1.69 39.53 -25.54
N THR A 71 -2.30 39.25 -26.71
CA THR A 71 -3.23 40.17 -27.39
C THR A 71 -4.66 40.01 -26.88
N LEU A 72 -4.94 38.89 -26.16
CA LEU A 72 -6.28 38.61 -25.64
C LEU A 72 -6.67 39.55 -24.51
N ASP A 73 -7.99 39.75 -24.32
CA ASP A 73 -8.56 40.53 -23.21
C ASP A 73 -7.99 39.95 -21.91
N HIS A 74 -7.51 40.82 -21.00
CA HIS A 74 -6.88 40.43 -19.74
C HIS A 74 -7.73 39.56 -18.84
N GLU A 75 -9.05 39.77 -18.81
CA GLU A 75 -9.94 38.93 -17.99
C GLU A 75 -10.09 37.54 -18.60
N ASP A 76 -10.13 37.44 -19.95
CA ASP A 76 -10.21 36.18 -20.68
C ASP A 76 -8.90 35.39 -20.47
N GLN A 77 -7.76 36.11 -20.37
CA GLN A 77 -6.45 35.52 -20.09
C GLN A 77 -6.45 34.76 -18.77
N ILE A 78 -7.06 35.36 -17.71
CA ILE A 78 -7.17 34.76 -16.38
C ILE A 78 -8.12 33.56 -16.44
N ALA A 79 -9.27 33.72 -17.14
CA ALA A 79 -10.28 32.67 -17.33
C ALA A 79 -9.65 31.43 -18.01
N LEU A 80 -8.79 31.64 -19.03
CA LEU A 80 -8.11 30.54 -19.73
C LEU A 80 -7.13 29.82 -18.81
N LEU A 81 -6.39 30.57 -17.97
CA LEU A 81 -5.44 29.98 -17.01
C LEU A 81 -6.11 29.15 -15.95
N LYS A 82 -7.11 29.72 -15.24
CA LYS A 82 -7.89 29.02 -14.22
C LYS A 82 -8.66 27.87 -14.82
N GLY A 83 -9.15 28.03 -16.05
CA GLY A 83 -9.92 27.01 -16.75
C GLY A 83 -9.10 25.80 -17.13
N SER A 84 -7.80 25.99 -17.38
CA SER A 84 -6.91 24.92 -17.86
C SER A 84 -5.87 24.36 -16.88
N ALA A 85 -5.58 25.04 -15.76
CA ALA A 85 -4.49 24.65 -14.86
C ALA A 85 -4.54 23.21 -14.37
N VAL A 86 -5.69 22.73 -13.88
CA VAL A 86 -5.82 21.36 -13.38
C VAL A 86 -5.66 20.35 -14.54
N GLU A 87 -6.33 20.58 -15.66
CA GLU A 87 -6.23 19.70 -16.83
C GLU A 87 -4.77 19.60 -17.31
N ALA A 88 -4.06 20.73 -17.41
CA ALA A 88 -2.65 20.74 -17.84
C ALA A 88 -1.79 19.95 -16.84
N MET A 89 -2.08 20.08 -15.54
CA MET A 89 -1.34 19.33 -14.53
C MET A 89 -1.49 17.82 -14.71
N PHE A 90 -2.71 17.35 -14.94
CA PHE A 90 -2.97 15.92 -15.14
C PHE A 90 -2.42 15.41 -16.45
N LEU A 91 -2.41 16.26 -17.51
CA LEU A 91 -1.84 15.84 -18.79
C LEU A 91 -0.33 15.68 -18.62
N ARG A 92 0.32 16.59 -17.91
CA ARG A 92 1.76 16.47 -17.63
C ARG A 92 2.04 15.24 -16.74
N SER A 93 1.19 14.99 -15.74
CA SER A 93 1.35 13.81 -14.86
C SER A 93 1.19 12.52 -15.66
N ALA A 94 0.28 12.52 -16.65
CA ALA A 94 0.06 11.35 -17.52
C ALA A 94 1.30 11.13 -18.37
N GLU A 95 1.89 12.20 -18.89
CA GLU A 95 3.11 12.11 -19.68
C GLU A 95 4.25 11.49 -18.87
N ILE A 96 4.47 11.99 -17.65
CA ILE A 96 5.50 11.53 -16.73
C ILE A 96 5.28 10.06 -16.37
N PHE A 97 4.03 9.71 -16.00
CA PHE A 97 3.67 8.34 -15.61
C PHE A 97 4.02 7.33 -16.68
N ASN A 98 3.89 7.74 -17.95
CA ASN A 98 4.12 6.87 -19.09
C ASN A 98 5.55 6.85 -19.60
N LYS A 99 6.45 7.62 -18.98
CA LYS A 99 7.87 7.60 -19.35
C LYS A 99 8.50 6.28 -18.90
N LYS A 100 9.28 5.66 -19.80
CA LYS A 100 9.95 4.39 -19.53
C LYS A 100 10.97 4.55 -18.41
N LEU A 101 10.93 3.62 -17.45
CA LEU A 101 11.84 3.57 -16.31
C LEU A 101 12.43 2.15 -16.20
N PRO A 102 13.50 1.89 -15.39
CA PRO A 102 14.02 0.51 -15.27
C PRO A 102 12.94 -0.48 -14.79
N SER A 103 13.09 -1.77 -15.15
CA SER A 103 12.14 -2.85 -14.82
C SER A 103 11.72 -2.86 -13.33
N GLY A 104 10.41 -2.76 -13.11
CA GLY A 104 9.82 -2.75 -11.77
C GLY A 104 9.61 -1.37 -11.15
N HIS A 105 10.26 -0.33 -11.71
CA HIS A 105 10.16 1.05 -11.20
C HIS A 105 8.77 1.64 -11.41
N SER A 106 8.13 1.35 -12.57
CA SER A 106 6.78 1.83 -12.87
C SER A 106 5.72 1.21 -11.96
N ASP A 107 5.96 -0.04 -11.48
CA ASP A 107 5.11 -0.74 -10.53
C ASP A 107 5.21 -0.05 -9.16
N LEU A 108 6.44 0.28 -8.74
CA LEU A 108 6.68 0.97 -7.46
C LEU A 108 6.11 2.39 -7.52
N LEU A 109 6.27 3.09 -8.67
CA LEU A 109 5.74 4.43 -8.87
C LEU A 109 4.22 4.44 -8.67
N GLU A 110 3.51 3.47 -9.30
CA GLU A 110 2.07 3.27 -9.22
C GLU A 110 1.65 3.02 -7.77
N ALA A 111 2.37 2.13 -7.07
CA ALA A 111 2.11 1.79 -5.67
C ALA A 111 2.32 3.00 -4.77
N ARG A 112 3.37 3.82 -5.02
CA ARG A 112 3.66 5.02 -4.25
C ARG A 112 2.55 6.04 -4.44
N ILE A 113 2.02 6.21 -5.67
CA ILE A 113 0.90 7.13 -5.99
C ILE A 113 -0.38 6.68 -5.29
N ARG A 114 -0.65 5.37 -5.29
CA ARG A 114 -1.81 4.80 -4.61
C ARG A 114 -1.74 5.05 -3.08
N ASN A 115 -0.51 5.14 -2.51
CA ASN A 115 -0.26 5.41 -1.08
C ASN A 115 -0.06 6.91 -0.77
N SER A 116 -0.43 7.79 -1.71
CA SER A 116 -0.27 9.24 -1.57
C SER A 116 -0.90 9.82 -0.31
N GLY A 117 -2.12 9.39 0.02
CA GLY A 117 -2.84 9.89 1.18
C GLY A 117 -4.28 10.28 0.87
N ILE A 118 -4.67 10.26 -0.41
CA ILE A 118 -6.04 10.60 -0.84
C ILE A 118 -6.95 9.37 -0.93
N SER A 119 -8.28 9.59 -1.00
CA SER A 119 -9.27 8.52 -1.11
C SER A 119 -9.04 7.71 -2.40
N ASP A 120 -9.20 6.37 -2.33
CA ASP A 120 -9.01 5.44 -3.46
C ASP A 120 -9.96 5.69 -4.64
N GLU A 121 -11.11 6.36 -4.35
CA GLU A 121 -12.13 6.73 -5.35
C GLU A 121 -11.61 7.80 -6.33
N TYR A 122 -10.52 8.48 -5.95
CA TYR A 122 -9.92 9.51 -6.80
C TYR A 122 -8.72 8.94 -7.55
N ILE A 123 -8.10 7.88 -6.99
CA ILE A 123 -6.92 7.20 -7.54
C ILE A 123 -7.29 6.39 -8.79
N THR A 124 -8.38 5.63 -8.72
CA THR A 124 -8.87 4.77 -9.80
C THR A 124 -9.03 5.56 -11.15
N PRO A 125 -9.86 6.64 -11.27
CA PRO A 125 -9.96 7.33 -12.57
C PRO A 125 -8.65 7.95 -13.05
N MET A 126 -7.74 8.31 -12.10
CA MET A 126 -6.42 8.89 -12.42
C MET A 126 -5.62 7.88 -13.22
N PHE A 127 -5.49 6.62 -12.71
CA PHE A 127 -4.76 5.55 -13.37
C PHE A 127 -5.39 5.12 -14.68
N SER A 128 -6.73 5.12 -14.77
CA SER A 128 -7.43 4.76 -16.00
C SER A 128 -7.14 5.80 -17.10
N PHE A 129 -7.13 7.09 -16.73
CA PHE A 129 -6.77 8.15 -17.66
C PHE A 129 -5.30 8.04 -18.09
N TYR A 130 -4.39 7.76 -17.14
CA TYR A 130 -2.94 7.62 -17.43
C TYR A 130 -2.69 6.45 -18.37
N LYS A 131 -3.41 5.32 -18.14
CA LYS A 131 -3.34 4.08 -18.94
C LYS A 131 -3.83 4.34 -20.35
N SER A 132 -4.92 5.08 -20.47
CA SER A 132 -5.53 5.41 -21.75
C SER A 132 -4.66 6.37 -22.57
N ILE A 133 -3.95 7.30 -21.89
CA ILE A 133 -3.00 8.20 -22.52
C ILE A 133 -1.81 7.37 -23.00
N GLY A 134 -1.36 6.46 -22.15
CA GLY A 134 -0.23 5.57 -22.42
C GLY A 134 -0.36 4.71 -23.67
N GLU A 135 -1.58 4.18 -23.91
CA GLU A 135 -1.88 3.31 -25.06
C GLU A 135 -1.81 4.09 -26.38
N LEU A 136 -1.95 5.42 -26.32
CA LEU A 136 -1.87 6.28 -27.51
C LEU A 136 -0.43 6.53 -27.97
N LYS A 137 0.56 6.12 -27.15
CA LYS A 137 2.00 6.24 -27.42
C LYS A 137 2.35 7.64 -28.01
N MET A 138 1.94 8.68 -27.29
CA MET A 138 2.12 10.07 -27.72
C MET A 138 3.57 10.50 -27.71
N THR A 139 3.95 11.33 -28.69
CA THR A 139 5.30 11.87 -28.76
C THR A 139 5.31 13.14 -27.92
N GLN A 140 6.51 13.71 -27.67
CA GLN A 140 6.66 14.97 -26.92
C GLN A 140 5.94 16.14 -27.62
N GLU A 141 5.93 16.14 -28.95
CA GLU A 141 5.28 17.16 -29.77
C GLU A 141 3.76 17.09 -29.58
N GLU A 142 3.22 15.87 -29.49
CA GLU A 142 1.77 15.69 -29.27
C GLU A 142 1.37 16.19 -27.88
N TYR A 143 2.14 15.83 -26.83
CA TYR A 143 1.86 16.35 -25.47
C TYR A 143 1.95 17.88 -25.43
N ALA A 144 2.98 18.45 -26.08
CA ALA A 144 3.13 19.90 -26.09
C ALA A 144 1.97 20.62 -26.80
N LEU A 145 1.61 20.18 -28.01
CA LEU A 145 0.51 20.78 -28.78
C LEU A 145 -0.82 20.60 -28.07
N LEU A 146 -1.07 19.39 -27.52
CA LEU A 146 -2.32 19.13 -26.78
C LEU A 146 -2.43 20.04 -25.55
N THR A 147 -1.31 20.31 -24.85
CA THR A 147 -1.29 21.23 -23.70
C THR A 147 -1.68 22.64 -24.17
N ALA A 148 -1.08 23.11 -25.30
CA ALA A 148 -1.42 24.40 -25.88
C ALA A 148 -2.90 24.48 -26.25
N ILE A 149 -3.46 23.41 -26.84
CA ILE A 149 -4.87 23.31 -27.26
C ILE A 149 -5.80 23.37 -26.03
N VAL A 150 -5.41 22.69 -24.95
CA VAL A 150 -6.16 22.68 -23.69
C VAL A 150 -6.24 24.12 -23.13
N ILE A 151 -5.10 24.84 -23.13
CA ILE A 151 -5.03 26.20 -22.60
C ILE A 151 -5.90 27.14 -23.44
N LEU A 152 -5.80 27.02 -24.76
CA LEU A 152 -6.54 27.88 -25.69
C LEU A 152 -7.90 27.29 -26.06
N SER A 153 -8.62 26.77 -25.06
CA SER A 153 -9.96 26.23 -25.26
C SER A 153 -10.95 27.39 -25.23
N PRO A 154 -11.69 27.66 -26.34
CA PRO A 154 -12.61 28.80 -26.34
C PRO A 154 -13.91 28.52 -25.59
N ASP A 155 -14.17 27.24 -25.30
CA ASP A 155 -15.36 26.78 -24.61
C ASP A 155 -15.19 26.70 -23.07
N ARG A 156 -14.44 27.68 -22.45
CA ARG A 156 -14.27 27.82 -21.00
C ARG A 156 -15.32 28.78 -20.43
N GLN A 157 -15.62 28.64 -19.13
CA GLN A 157 -16.56 29.51 -18.43
C GLN A 157 -15.94 30.91 -18.22
N TYR A 158 -16.80 31.95 -18.37
CA TYR A 158 -16.55 33.40 -18.24
C TYR A 158 -15.74 34.01 -19.42
N ILE A 159 -15.52 33.25 -20.51
CA ILE A 159 -14.81 33.80 -21.69
C ILE A 159 -15.75 34.74 -22.44
N LYS A 160 -15.36 36.02 -22.56
CA LYS A 160 -16.14 37.06 -23.22
C LYS A 160 -16.06 36.94 -24.74
N ASP A 161 -14.84 36.83 -25.29
CA ASP A 161 -14.62 36.76 -26.73
C ASP A 161 -14.08 35.37 -27.11
N ARG A 162 -15.01 34.42 -27.33
CA ARG A 162 -14.70 33.04 -27.70
C ARG A 162 -14.03 32.93 -29.07
N GLU A 163 -14.41 33.79 -30.04
CA GLU A 163 -13.86 33.80 -31.40
C GLU A 163 -12.36 34.12 -31.40
N ALA A 164 -11.92 35.07 -30.54
CA ALA A 164 -10.51 35.47 -30.41
C ALA A 164 -9.65 34.28 -29.97
N VAL A 165 -10.16 33.46 -29.02
CA VAL A 165 -9.49 32.26 -28.52
C VAL A 165 -9.47 31.20 -29.61
N GLU A 166 -10.64 30.97 -30.26
CA GLU A 166 -10.81 30.02 -31.35
C GLU A 166 -9.76 30.25 -32.45
N LYS A 167 -9.50 31.53 -32.81
CA LYS A 167 -8.51 31.94 -33.81
C LYS A 167 -7.10 31.49 -33.46
N LEU A 168 -6.73 31.53 -32.16
CA LEU A 168 -5.41 31.12 -31.67
C LEU A 168 -5.26 29.60 -31.58
N GLN A 169 -6.35 28.90 -31.25
CA GLN A 169 -6.36 27.44 -31.11
C GLN A 169 -6.27 26.71 -32.46
N GLU A 170 -6.96 27.23 -33.49
CA GLU A 170 -7.03 26.63 -34.82
C GLU A 170 -5.66 26.27 -35.44
N PRO A 171 -4.62 27.15 -35.47
CA PRO A 171 -3.33 26.73 -36.05
C PRO A 171 -2.69 25.54 -35.33
N LEU A 172 -2.88 25.43 -33.99
CA LEU A 172 -2.32 24.36 -33.17
C LEU A 172 -3.01 23.05 -33.45
N LEU A 173 -4.34 23.09 -33.62
CA LEU A 173 -5.14 21.92 -33.98
C LEU A 173 -4.71 21.40 -35.36
N ASP A 174 -4.45 22.33 -36.30
CA ASP A 174 -4.02 22.00 -37.66
C ASP A 174 -2.66 21.29 -37.68
N VAL A 175 -1.69 21.77 -36.89
CA VAL A 175 -0.35 21.15 -36.77
C VAL A 175 -0.47 19.75 -36.15
N LEU A 176 -1.25 19.64 -35.05
CA LEU A 176 -1.44 18.35 -34.39
C LEU A 176 -2.06 17.31 -35.32
N GLN A 177 -3.08 17.70 -36.11
CA GLN A 177 -3.74 16.81 -37.06
C GLN A 177 -2.74 16.28 -38.09
N LYS A 178 -1.86 17.17 -38.59
CA LYS A 178 -0.83 16.78 -39.56
C LYS A 178 0.15 15.79 -38.93
N LEU A 179 0.61 16.07 -37.69
CA LEU A 179 1.50 15.19 -36.95
C LEU A 179 0.91 13.79 -36.75
N CYS A 180 -0.40 13.70 -36.41
CA CYS A 180 -1.08 12.42 -36.24
C CYS A 180 -1.11 11.64 -37.55
N LYS A 181 -1.34 12.35 -38.68
CA LYS A 181 -1.35 11.76 -40.02
C LYS A 181 0.04 11.27 -40.45
N ILE A 182 1.12 11.91 -39.94
CA ILE A 182 2.52 11.57 -40.22
C ILE A 182 3.02 10.43 -39.31
N HIS A 183 3.02 10.66 -37.99
CA HIS A 183 3.48 9.75 -36.93
C HIS A 183 2.70 8.44 -36.86
N GLN A 184 1.36 8.52 -36.95
CA GLN A 184 0.46 7.38 -36.81
C GLN A 184 -0.41 7.22 -38.09
N PRO A 185 0.18 6.83 -39.24
CA PRO A 185 -0.63 6.70 -40.46
C PRO A 185 -1.50 5.44 -40.51
N GLU A 186 -1.12 4.39 -39.75
CA GLU A 186 -1.85 3.13 -39.65
C GLU A 186 -3.13 3.28 -38.80
N ASN A 187 -3.14 4.29 -37.89
CA ASN A 187 -4.26 4.62 -37.02
C ASN A 187 -4.85 5.99 -37.45
N PRO A 188 -5.83 6.01 -38.38
CA PRO A 188 -6.36 7.32 -38.84
C PRO A 188 -7.31 8.00 -37.86
N GLN A 189 -7.68 7.32 -36.75
CA GLN A 189 -8.52 7.89 -35.71
C GLN A 189 -7.69 8.55 -34.60
N HIS A 190 -6.34 8.53 -34.71
CA HIS A 190 -5.42 9.07 -33.70
C HIS A 190 -5.68 10.53 -33.28
N PHE A 191 -5.87 11.45 -34.24
CA PHE A 191 -6.17 12.85 -33.92
C PHE A 191 -7.45 12.96 -33.12
N ALA A 192 -8.49 12.23 -33.55
CA ALA A 192 -9.79 12.17 -32.90
C ALA A 192 -9.64 11.55 -31.51
N CYS A 193 -8.78 10.52 -31.41
CA CYS A 193 -8.45 9.81 -30.18
C CYS A 193 -7.87 10.83 -29.18
N LEU A 194 -6.89 11.67 -29.59
CA LEU A 194 -6.28 12.72 -28.75
C LEU A 194 -7.30 13.78 -28.31
N LEU A 195 -8.17 14.25 -29.22
CA LEU A 195 -9.19 15.26 -28.87
C LEU A 195 -10.22 14.69 -27.90
N GLY A 196 -10.48 13.38 -27.98
CA GLY A 196 -11.42 12.70 -27.07
C GLY A 196 -10.92 12.66 -25.64
N ARG A 197 -9.59 12.53 -25.48
CA ARG A 197 -8.87 12.52 -24.20
C ARG A 197 -9.11 13.80 -23.45
N LEU A 198 -9.17 14.95 -24.18
CA LEU A 198 -9.42 16.29 -23.64
C LEU A 198 -10.75 16.40 -22.92
N THR A 199 -11.77 15.67 -23.38
CA THR A 199 -13.07 15.61 -22.73
C THR A 199 -12.92 14.84 -21.41
N GLU A 200 -12.09 13.77 -21.41
CA GLU A 200 -11.85 13.00 -20.20
C GLU A 200 -11.03 13.83 -19.20
N LEU A 201 -10.12 14.69 -19.70
CA LEU A 201 -9.32 15.56 -18.88
C LEU A 201 -10.16 16.49 -18.01
N ARG A 202 -11.25 17.02 -18.59
CA ARG A 202 -12.19 17.96 -17.94
C ARG A 202 -12.85 17.40 -16.68
N THR A 203 -12.99 16.07 -16.60
CA THR A 203 -13.61 15.40 -15.45
C THR A 203 -12.78 15.65 -14.17
N PHE A 204 -11.44 15.82 -14.30
CA PHE A 204 -10.57 16.07 -13.15
C PHE A 204 -10.85 17.43 -12.50
N ASN A 205 -11.64 18.29 -13.16
CA ASN A 205 -11.98 19.64 -12.68
C ASN A 205 -12.94 19.75 -11.50
N HIS A 206 -14.15 19.23 -11.68
CA HIS A 206 -15.25 19.34 -10.72
C HIS A 206 -14.92 18.85 -9.32
N HIS A 207 -14.26 17.68 -9.18
CA HIS A 207 -13.98 17.15 -7.83
C HIS A 207 -12.53 17.37 -7.38
N HIS A 208 -11.81 18.31 -8.02
CA HIS A 208 -10.41 18.58 -7.70
C HIS A 208 -10.20 19.03 -6.24
N ALA A 209 -10.94 20.07 -5.78
CA ALA A 209 -10.85 20.55 -4.39
C ALA A 209 -11.21 19.43 -3.39
N GLU A 210 -12.26 18.64 -3.70
CA GLU A 210 -12.70 17.51 -2.86
C GLU A 210 -11.62 16.47 -2.71
N MET A 211 -10.95 16.11 -3.84
CA MET A 211 -9.87 15.14 -3.85
C MET A 211 -8.76 15.63 -2.91
N LEU A 212 -8.42 16.90 -2.99
CA LEU A 212 -7.36 17.48 -2.17
C LEU A 212 -7.71 17.53 -0.69
N MET A 213 -8.96 17.93 -0.36
CA MET A 213 -9.41 18.01 1.03
C MET A 213 -9.57 16.63 1.67
N SER A 214 -9.58 15.56 0.83
CA SER A 214 -9.67 14.15 1.28
C SER A 214 -8.29 13.61 1.72
N TRP A 215 -7.21 14.36 1.48
CA TRP A 215 -5.86 13.94 1.86
C TRP A 215 -5.82 13.67 3.35
N ARG A 216 -5.25 12.52 3.74
CA ARG A 216 -5.19 12.10 5.15
C ARG A 216 -4.10 12.84 5.89
N VAL A 217 -4.32 14.15 6.08
CA VAL A 217 -3.41 15.09 6.77
C VAL A 217 -4.22 15.92 7.76
N ASN A 218 -3.57 16.47 8.78
CA ASN A 218 -4.26 17.29 9.78
C ASN A 218 -4.65 18.67 9.25
N ASP A 219 -3.76 19.29 8.45
CA ASP A 219 -3.95 20.62 7.88
C ASP A 219 -3.72 20.63 6.37
N HIS A 220 -4.69 21.19 5.64
CA HIS A 220 -4.61 21.27 4.19
C HIS A 220 -4.18 22.67 3.82
N LYS A 221 -2.89 22.93 4.00
CA LYS A 221 -2.32 24.24 3.72
C LYS A 221 -1.82 24.32 2.28
N PHE A 222 -2.39 25.25 1.51
CA PHE A 222 -1.98 25.48 0.12
C PHE A 222 -1.27 26.81 0.01
N THR A 223 -0.36 26.93 -0.97
CA THR A 223 0.40 28.15 -1.24
C THR A 223 -0.55 29.25 -1.75
N PRO A 224 -0.27 30.56 -1.55
CA PRO A 224 -1.17 31.60 -2.08
C PRO A 224 -1.49 31.48 -3.58
N LEU A 225 -0.52 31.05 -4.40
CA LEU A 225 -0.71 30.86 -5.84
C LEU A 225 -1.73 29.75 -6.11
N LEU A 226 -1.63 28.63 -5.37
CA LEU A 226 -2.56 27.51 -5.54
C LEU A 226 -3.98 27.89 -5.11
N CYS A 227 -4.11 28.72 -4.05
CA CYS A 227 -5.42 29.22 -3.59
C CYS A 227 -6.10 30.03 -4.70
N GLU A 228 -5.31 30.81 -5.45
CA GLU A 228 -5.81 31.61 -6.57
C GLU A 228 -6.29 30.79 -7.74
N ILE A 229 -5.45 29.85 -8.20
CA ILE A 229 -5.75 29.11 -9.41
C ILE A 229 -6.76 27.98 -9.16
N TRP A 230 -6.71 27.33 -7.98
CA TRP A 230 -7.63 26.25 -7.60
C TRP A 230 -8.76 26.79 -6.74
N ASP A 231 -9.77 25.97 -6.45
CA ASP A 231 -10.87 26.47 -5.62
C ASP A 231 -10.74 26.00 -4.17
N VAL A 232 -9.61 26.41 -3.54
CA VAL A 232 -9.21 26.07 -2.15
C VAL A 232 -8.94 27.33 -1.31
N GLN A 233 -8.99 27.21 0.03
CA GLN A 233 -8.78 28.34 0.95
C GLN A 233 -7.54 28.19 1.83
N ASP B 2 -10.80 37.97 -6.71
CA ASP B 2 -9.54 38.68 -6.96
C ASP B 2 -8.39 37.69 -7.10
N HIS B 3 -7.61 37.81 -8.19
CA HIS B 3 -6.49 36.92 -8.51
C HIS B 3 -5.23 37.74 -8.87
N GLN B 4 -4.68 38.46 -7.89
CA GLN B 4 -3.53 39.33 -8.15
C GLN B 4 -2.21 38.60 -8.44
N LEU B 5 -2.01 37.37 -7.97
CA LEU B 5 -0.76 36.64 -8.26
C LEU B 5 -0.69 36.20 -9.71
N LEU B 6 -1.81 35.65 -10.25
CA LEU B 6 -1.89 35.25 -11.66
C LEU B 6 -1.77 36.47 -12.55
N ARG B 7 -2.46 37.58 -12.17
CA ARG B 7 -2.43 38.84 -12.89
C ARG B 7 -0.99 39.38 -12.89
N TYR B 8 -0.26 39.27 -11.76
CA TYR B 8 1.14 39.68 -11.64
C TYR B 8 2.05 38.90 -12.61
N LEU B 9 1.95 37.55 -12.56
CA LEU B 9 2.74 36.67 -13.42
C LEU B 9 2.47 36.86 -14.91
N LEU B 10 1.22 37.19 -15.27
CA LEU B 10 0.85 37.45 -16.66
C LEU B 10 1.35 38.80 -17.14
N ASP B 11 1.31 39.83 -16.29
CA ASP B 11 1.69 41.21 -16.62
C ASP B 11 3.14 41.58 -16.38
N LYS B 12 3.92 40.74 -15.66
CA LYS B 12 5.35 41.04 -15.43
C LYS B 12 6.15 40.91 -16.75
N ASP B 13 7.34 41.53 -16.82
CA ASP B 13 8.25 41.63 -17.96
C ASP B 13 7.70 42.58 -19.02
N MET C 4 -8.52 0.92 3.57
CA MET C 4 -7.29 1.68 3.64
C MET C 4 -6.88 2.01 5.09
N GLU C 5 -7.68 2.83 5.80
CA GLU C 5 -7.40 3.25 7.17
C GLU C 5 -8.30 2.56 8.20
N LEU C 6 -7.78 2.28 9.43
CA LEU C 6 -8.56 1.63 10.48
C LEU C 6 -9.64 2.54 11.03
N THR C 7 -10.83 1.98 11.33
CA THR C 7 -11.94 2.73 11.92
C THR C 7 -11.68 2.82 13.45
N PRO C 8 -12.30 3.79 14.19
CA PRO C 8 -12.11 3.85 15.65
C PRO C 8 -12.41 2.53 16.35
N ASP C 9 -13.45 1.79 15.90
CA ASP C 9 -13.81 0.46 16.42
C ASP C 9 -12.71 -0.56 16.16
N GLN C 10 -12.09 -0.49 14.97
CA GLN C 10 -10.99 -1.40 14.59
C GLN C 10 -9.75 -1.11 15.41
N GLN C 11 -9.43 0.18 15.66
CA GLN C 11 -8.29 0.57 16.50
C GLN C 11 -8.51 0.08 17.93
N THR C 12 -9.77 0.15 18.40
CA THR C 12 -10.18 -0.34 19.72
C THR C 12 -9.96 -1.85 19.82
N LEU C 13 -10.43 -2.62 18.80
CA LEU C 13 -10.28 -4.09 18.69
C LEU C 13 -8.80 -4.44 18.68
N LEU C 14 -7.99 -3.72 17.87
CA LEU C 14 -6.53 -3.92 17.76
C LEU C 14 -5.81 -3.71 19.11
N HIS C 15 -6.10 -2.62 19.88
CA HIS C 15 -5.43 -2.37 21.19
C HIS C 15 -5.81 -3.41 22.22
N PHE C 16 -7.06 -3.88 22.14
CA PHE C 16 -7.56 -4.93 23.01
C PHE C 16 -6.86 -6.28 22.73
N ILE C 17 -6.69 -6.65 21.43
CA ILE C 17 -6.00 -7.89 21.02
C ILE C 17 -4.54 -7.78 21.47
N MET C 18 -3.89 -6.62 21.21
CA MET C 18 -2.51 -6.37 21.58
C MET C 18 -2.28 -6.50 23.06
N ASP C 19 -3.12 -5.86 23.90
CA ASP C 19 -3.03 -5.94 25.36
C ASP C 19 -3.07 -7.39 25.82
N SER C 20 -4.03 -8.17 25.30
CA SER C 20 -4.20 -9.59 25.59
C SER C 20 -2.99 -10.41 25.11
N TYR C 21 -2.46 -10.11 23.90
CA TYR C 21 -1.31 -10.82 23.32
C TYR C 21 -0.03 -10.60 24.14
N ASN C 22 0.13 -9.39 24.71
CA ASN C 22 1.31 -8.97 25.49
C ASN C 22 1.42 -9.61 26.88
N LYS C 23 0.45 -10.45 27.27
CA LYS C 23 0.50 -11.13 28.56
C LYS C 23 1.46 -12.35 28.49
N GLN C 24 1.97 -12.66 27.30
CA GLN C 24 2.89 -13.78 27.06
C GLN C 24 4.26 -13.51 27.67
N ARG C 25 5.06 -14.58 27.82
CA ARG C 25 6.46 -14.46 28.27
C ARG C 25 7.20 -13.70 27.21
N MET C 26 8.06 -12.77 27.62
CA MET C 26 8.83 -11.95 26.71
C MET C 26 9.82 -12.78 25.88
N PRO C 27 10.07 -12.43 24.60
CA PRO C 27 11.03 -13.22 23.81
C PRO C 27 12.40 -13.39 24.47
N GLN C 28 12.92 -12.31 25.09
CA GLN C 28 14.20 -12.27 25.80
C GLN C 28 14.28 -13.31 26.90
N GLU C 29 13.17 -13.55 27.63
CA GLU C 29 13.10 -14.57 28.70
C GLU C 29 13.41 -15.96 28.14
N ILE C 30 12.94 -16.23 26.91
CA ILE C 30 13.13 -17.51 26.21
C ILE C 30 14.55 -17.62 25.63
N THR C 31 14.98 -16.62 24.83
CA THR C 31 16.29 -16.61 24.19
C THR C 31 17.44 -16.54 25.21
N ASN C 32 17.29 -15.78 26.33
CA ASN C 32 18.32 -15.70 27.38
C ASN C 32 18.61 -17.09 27.95
N LYS C 33 17.56 -17.89 28.22
CA LYS C 33 17.66 -19.25 28.75
C LYS C 33 18.49 -20.14 27.79
N ILE C 34 18.14 -20.15 26.49
CA ILE C 34 18.80 -20.95 25.44
C ILE C 34 20.24 -20.47 25.17
N LEU C 35 20.47 -19.15 25.11
CA LEU C 35 21.79 -18.57 24.85
C LEU C 35 22.76 -18.64 26.05
N LYS C 36 22.25 -18.73 27.29
CA LYS C 36 23.02 -18.78 28.53
C LYS C 36 24.05 -19.91 28.54
N GLU C 37 23.59 -21.14 28.34
CA GLU C 37 24.44 -22.33 28.35
C GLU C 37 23.92 -23.41 27.42
N ALA C 38 24.80 -24.34 27.03
CA ALA C 38 24.45 -25.48 26.19
C ALA C 38 23.79 -26.52 27.09
N PHE C 39 22.59 -26.97 26.72
CA PHE C 39 21.87 -27.98 27.51
C PHE C 39 21.90 -29.33 26.81
N SER C 40 21.74 -30.42 27.57
CA SER C 40 21.67 -31.77 27.03
C SER C 40 20.29 -31.98 26.40
N ALA C 41 20.11 -33.08 25.63
CA ALA C 41 18.81 -33.41 25.02
C ALA C 41 17.73 -33.57 26.10
N GLU C 42 18.10 -34.17 27.26
CA GLU C 42 17.21 -34.38 28.41
C GLU C 42 16.76 -33.05 29.03
N GLU C 43 17.70 -32.09 29.21
CA GLU C 43 17.37 -30.77 29.77
C GLU C 43 16.50 -29.96 28.79
N ASN C 44 16.79 -30.08 27.48
CA ASN C 44 16.02 -29.37 26.44
C ASN C 44 14.57 -29.86 26.35
N PHE C 45 14.34 -31.17 26.53
CA PHE C 45 12.98 -31.73 26.49
C PHE C 45 12.13 -31.10 27.60
N LEU C 46 12.68 -31.00 28.83
CA LEU C 46 11.97 -30.42 29.96
C LEU C 46 11.78 -28.92 29.83
N ILE C 47 12.75 -28.21 29.21
CA ILE C 47 12.62 -26.77 28.92
C ILE C 47 11.41 -26.60 27.99
N LEU C 48 11.31 -27.46 26.96
CA LEU C 48 10.20 -27.39 26.00
C LEU C 48 8.85 -27.68 26.66
N THR C 49 8.75 -28.71 27.51
CA THR C 49 7.46 -29.03 28.14
C THR C 49 7.01 -27.91 29.09
N GLU C 50 7.95 -27.29 29.82
CA GLU C 50 7.65 -26.16 30.70
C GLU C 50 7.19 -24.95 29.87
N MET C 51 7.92 -24.62 28.79
CA MET C 51 7.58 -23.50 27.88
C MET C 51 6.23 -23.71 27.21
N ALA C 52 5.99 -24.93 26.70
CA ALA C 52 4.74 -25.28 26.04
C ALA C 52 3.56 -25.26 26.99
N THR C 53 3.76 -25.69 28.28
CA THR C 53 2.69 -25.65 29.28
C THR C 53 2.30 -24.20 29.57
N ASN C 54 3.30 -23.32 29.74
CA ASN C 54 3.04 -21.90 29.99
C ASN C 54 2.33 -21.30 28.76
N HIS C 55 2.79 -21.66 27.54
CA HIS C 55 2.19 -21.17 26.30
C HIS C 55 0.71 -21.53 26.21
N VAL C 56 0.33 -22.79 26.53
CA VAL C 56 -1.07 -23.23 26.46
C VAL C 56 -1.93 -22.43 27.45
N GLN C 57 -1.43 -22.21 28.68
CA GLN C 57 -2.13 -21.43 29.69
C GLN C 57 -2.40 -20.01 29.18
N VAL C 58 -1.37 -19.36 28.64
CA VAL C 58 -1.47 -17.99 28.14
C VAL C 58 -2.38 -17.96 26.90
N LEU C 59 -2.29 -19.00 26.05
CA LEU C 59 -3.13 -19.15 24.87
C LEU C 59 -4.61 -19.23 25.21
N VAL C 60 -4.99 -20.05 26.20
CA VAL C 60 -6.39 -20.17 26.60
C VAL C 60 -6.91 -18.81 27.10
N GLU C 61 -6.09 -18.05 27.87
CA GLU C 61 -6.49 -16.72 28.34
C GLU C 61 -6.68 -15.75 27.18
N PHE C 62 -5.79 -15.79 26.20
CA PHE C 62 -5.87 -14.94 25.01
C PHE C 62 -7.13 -15.29 24.20
N THR C 63 -7.38 -16.60 24.04
CA THR C 63 -8.53 -17.15 23.30
C THR C 63 -9.88 -16.72 23.90
N LYS C 64 -10.05 -16.87 25.24
CA LYS C 64 -11.31 -16.47 25.86
C LYS C 64 -11.59 -14.96 25.76
N LYS C 65 -10.55 -14.13 25.53
CA LYS C 65 -10.72 -12.69 25.39
C LYS C 65 -11.08 -12.28 23.96
N LEU C 66 -10.94 -13.20 22.98
CA LEU C 66 -11.30 -12.93 21.58
C LEU C 66 -12.80 -12.65 21.47
N PRO C 67 -13.21 -11.52 20.85
CA PRO C 67 -14.64 -11.18 20.81
C PRO C 67 -15.53 -12.30 20.28
N GLY C 68 -16.54 -12.63 21.08
CA GLY C 68 -17.51 -13.68 20.78
C GLY C 68 -17.10 -15.10 21.11
N PHE C 69 -15.83 -15.35 21.45
CA PHE C 69 -15.38 -16.73 21.74
C PHE C 69 -16.21 -17.41 22.82
N GLN C 70 -16.55 -16.69 23.90
CA GLN C 70 -17.34 -17.22 25.02
C GLN C 70 -18.79 -17.54 24.64
N THR C 71 -19.28 -17.02 23.49
CA THR C 71 -20.65 -17.27 23.01
C THR C 71 -20.74 -18.54 22.17
N LEU C 72 -19.58 -19.09 21.75
CA LEU C 72 -19.53 -20.30 20.93
C LEU C 72 -19.92 -21.53 21.72
N ASP C 73 -20.43 -22.58 21.02
CA ASP C 73 -20.76 -23.89 21.58
C ASP C 73 -19.50 -24.39 22.30
N HIS C 74 -19.66 -24.89 23.55
CA HIS C 74 -18.56 -25.35 24.39
C HIS C 74 -17.68 -26.44 23.78
N GLU C 75 -18.27 -27.36 22.99
CA GLU C 75 -17.48 -28.42 22.35
C GLU C 75 -16.65 -27.84 21.20
N ASP C 76 -17.21 -26.86 20.45
CA ASP C 76 -16.50 -26.15 19.37
C ASP C 76 -15.33 -25.34 19.95
N GLN C 77 -15.52 -24.78 21.16
CA GLN C 77 -14.48 -24.04 21.89
C GLN C 77 -13.25 -24.91 22.13
N ILE C 78 -13.47 -26.18 22.56
CA ILE C 78 -12.40 -27.15 22.82
C ILE C 78 -11.73 -27.53 21.51
N ALA C 79 -12.56 -27.79 20.46
CA ALA C 79 -12.08 -28.13 19.13
C ALA C 79 -11.16 -27.04 18.55
N LEU C 80 -11.52 -25.75 18.74
CA LEU C 80 -10.71 -24.62 18.28
C LEU C 80 -9.38 -24.55 19.01
N LEU C 81 -9.38 -24.81 20.32
CA LEU C 81 -8.17 -24.80 21.14
C LEU C 81 -7.19 -25.89 20.75
N LYS C 82 -7.68 -27.14 20.70
CA LYS C 82 -6.90 -28.32 20.29
C LYS C 82 -6.44 -28.20 18.83
N GLY C 83 -7.28 -27.61 18.01
CA GLY C 83 -6.98 -27.45 16.59
C GLY C 83 -5.89 -26.44 16.31
N SER C 84 -5.75 -25.43 17.20
CA SER C 84 -4.79 -24.34 16.99
C SER C 84 -3.56 -24.29 17.89
N ALA C 85 -3.54 -25.01 19.02
CA ALA C 85 -2.44 -24.92 20.00
C ALA C 85 -1.03 -25.09 19.44
N VAL C 86 -0.78 -26.14 18.64
CA VAL C 86 0.54 -26.36 18.04
C VAL C 86 0.90 -25.24 17.04
N GLU C 87 -0.02 -24.89 16.14
CA GLU C 87 0.21 -23.83 15.17
C GLU C 87 0.54 -22.50 15.85
N ALA C 88 -0.22 -22.14 16.91
CA ALA C 88 0.01 -20.90 17.67
C ALA C 88 1.40 -20.94 18.33
N MET C 89 1.81 -22.11 18.84
CA MET C 89 3.12 -22.26 19.45
C MET C 89 4.24 -21.98 18.45
N PHE C 90 4.13 -22.54 17.23
CA PHE C 90 5.14 -22.34 16.18
C PHE C 90 5.14 -20.91 15.63
N LEU C 91 3.96 -20.26 15.59
CA LEU C 91 3.90 -18.88 15.13
C LEU C 91 4.60 -17.97 16.17
N ARG C 92 4.38 -18.24 17.47
CA ARG C 92 5.07 -17.50 18.53
C ARG C 92 6.57 -17.78 18.50
N SER C 93 6.98 -19.05 18.26
CA SER C 93 8.41 -19.40 18.17
C SER C 93 9.06 -18.68 16.98
N ALA C 94 8.31 -18.53 15.86
CA ALA C 94 8.80 -17.82 14.67
C ALA C 94 9.00 -16.35 14.99
N GLU C 95 8.06 -15.76 15.74
CA GLU C 95 8.16 -14.37 16.16
C GLU C 95 9.43 -14.15 17.00
N ILE C 96 9.63 -15.01 18.02
CA ILE C 96 10.79 -14.95 18.92
C ILE C 96 12.09 -15.11 18.15
N PHE C 97 12.15 -16.14 17.28
CA PHE C 97 13.35 -16.43 16.47
C PHE C 97 13.80 -15.23 15.66
N ASN C 98 12.84 -14.44 15.18
CA ASN C 98 13.09 -13.29 14.32
C ASN C 98 13.31 -11.98 15.05
N LYS C 99 13.27 -11.99 16.40
CA LYS C 99 13.57 -10.80 17.18
C LYS C 99 15.06 -10.49 17.09
N LYS C 100 15.41 -9.21 16.84
CA LYS C 100 16.80 -8.77 16.73
C LYS C 100 17.53 -8.97 18.06
N LEU C 101 18.73 -9.55 17.98
CA LEU C 101 19.60 -9.80 19.13
C LEU C 101 21.01 -9.26 18.82
N PRO C 102 21.94 -9.12 19.81
CA PRO C 102 23.31 -8.66 19.46
C PRO C 102 24.00 -9.54 18.42
N SER C 103 24.93 -8.97 17.64
CA SER C 103 25.67 -9.64 16.57
C SER C 103 26.23 -11.02 16.97
N GLY C 104 25.82 -12.05 16.22
CA GLY C 104 26.24 -13.42 16.46
C GLY C 104 25.34 -14.25 17.37
N HIS C 105 24.44 -13.60 18.12
CA HIS C 105 23.51 -14.28 19.04
C HIS C 105 22.48 -15.13 18.31
N SER C 106 21.96 -14.64 17.17
CA SER C 106 20.99 -15.36 16.34
C SER C 106 21.59 -16.63 15.71
N ASP C 107 22.91 -16.61 15.42
CA ASP C 107 23.65 -17.74 14.90
C ASP C 107 23.77 -18.81 15.99
N LEU C 108 24.09 -18.39 17.23
CA LEU C 108 24.21 -19.30 18.38
C LEU C 108 22.86 -19.87 18.74
N LEU C 109 21.79 -19.04 18.68
CA LEU C 109 20.42 -19.45 18.96
C LEU C 109 20.01 -20.59 18.02
N GLU C 110 20.26 -20.41 16.71
CA GLU C 110 20.00 -21.38 15.64
C GLU C 110 20.76 -22.69 15.92
N ALA C 111 22.06 -22.59 16.25
CA ALA C 111 22.91 -23.75 16.54
C ALA C 111 22.42 -24.50 17.78
N ARG C 112 21.98 -23.76 18.81
CA ARG C 112 21.44 -24.34 20.05
C ARG C 112 20.14 -25.10 19.77
N ILE C 113 19.26 -24.54 18.92
CA ILE C 113 17.99 -25.16 18.51
C ILE C 113 18.26 -26.44 17.70
N ARG C 114 19.26 -26.41 16.81
CA ARG C 114 19.66 -27.58 16.03
C ARG C 114 20.16 -28.71 16.95
N ASN C 115 20.73 -28.36 18.14
CA ASN C 115 21.22 -29.31 19.15
C ASN C 115 20.16 -29.67 20.19
N SER C 116 18.89 -29.34 19.94
CA SER C 116 17.76 -29.60 20.85
C SER C 116 17.61 -31.06 21.31
N GLY C 117 17.85 -32.00 20.40
CA GLY C 117 17.70 -33.42 20.70
C GLY C 117 16.68 -34.07 19.79
N ILE C 118 16.11 -33.24 18.90
CA ILE C 118 15.12 -33.63 17.90
C ILE C 118 15.82 -34.02 16.61
N SER C 119 15.21 -34.90 15.78
CA SER C 119 15.80 -35.30 14.50
C SER C 119 15.99 -34.08 13.62
N ASP C 120 17.08 -34.07 12.84
CA ASP C 120 17.40 -32.97 11.92
C ASP C 120 16.31 -32.77 10.85
N GLU C 121 15.57 -33.85 10.49
CA GLU C 121 14.47 -33.81 9.51
C GLU C 121 13.31 -32.88 9.93
N TYR C 122 13.13 -32.67 11.23
CA TYR C 122 12.11 -31.78 11.77
C TYR C 122 12.64 -30.36 11.96
N ILE C 123 13.96 -30.22 12.18
CA ILE C 123 14.62 -28.92 12.38
C ILE C 123 14.61 -28.12 11.09
N THR C 124 14.92 -28.78 9.94
CA THR C 124 14.98 -28.15 8.61
C THR C 124 13.66 -27.42 8.27
N PRO C 125 12.45 -28.04 8.22
CA PRO C 125 11.24 -27.27 7.91
C PRO C 125 10.92 -26.17 8.92
N MET C 126 11.32 -26.35 10.20
CA MET C 126 11.13 -25.38 11.27
C MET C 126 11.87 -24.09 10.92
N PHE C 127 13.18 -24.19 10.59
CA PHE C 127 14.00 -23.02 10.23
C PHE C 127 13.57 -22.38 8.92
N SER C 128 13.13 -23.18 7.94
CA SER C 128 12.65 -22.64 6.67
C SER C 128 11.38 -21.81 6.91
N PHE C 129 10.46 -22.32 7.75
CA PHE C 129 9.25 -21.57 8.11
C PHE C 129 9.62 -20.28 8.87
N TYR C 130 10.56 -20.36 9.83
CA TYR C 130 10.99 -19.19 10.63
C TYR C 130 11.61 -18.11 9.75
N LYS C 131 12.52 -18.51 8.84
CA LYS C 131 13.17 -17.56 7.94
C LYS C 131 12.19 -16.95 6.93
N SER C 132 11.16 -17.72 6.49
CA SER C 132 10.11 -17.24 5.58
C SER C 132 9.17 -16.24 6.30
N ILE C 133 8.90 -16.46 7.60
CA ILE C 133 8.11 -15.54 8.43
C ILE C 133 8.94 -14.27 8.61
N GLY C 134 10.23 -14.43 8.86
CA GLY C 134 11.17 -13.32 9.06
C GLY C 134 11.26 -12.34 7.93
N GLU C 135 11.25 -12.85 6.67
CA GLU C 135 11.34 -12.02 5.46
C GLU C 135 10.08 -11.18 5.25
N LEU C 136 8.96 -11.56 5.89
CA LEU C 136 7.72 -10.79 5.81
C LEU C 136 7.73 -9.54 6.71
N LYS C 137 8.75 -9.41 7.57
CA LYS C 137 8.98 -8.29 8.51
C LYS C 137 7.67 -7.88 9.19
N MET C 138 7.01 -8.85 9.82
CA MET C 138 5.73 -8.66 10.50
C MET C 138 5.89 -7.80 11.75
N THR C 139 4.89 -6.95 12.01
CA THR C 139 4.89 -6.12 13.20
C THR C 139 4.26 -6.98 14.30
N GLN C 140 4.37 -6.55 15.56
CA GLN C 140 3.76 -7.28 16.68
C GLN C 140 2.25 -7.43 16.51
N GLU C 141 1.57 -6.36 16.02
CA GLU C 141 0.12 -6.33 15.75
C GLU C 141 -0.25 -7.40 14.70
N GLU C 142 0.59 -7.57 13.67
CA GLU C 142 0.36 -8.60 12.65
C GLU C 142 0.50 -10.01 13.24
N TYR C 143 1.49 -10.25 14.12
CA TYR C 143 1.62 -11.56 14.80
C TYR C 143 0.41 -11.81 15.71
N ALA C 144 -0.05 -10.78 16.44
CA ALA C 144 -1.21 -10.92 17.32
C ALA C 144 -2.49 -11.26 16.55
N LEU C 145 -2.78 -10.53 15.47
CA LEU C 145 -3.97 -10.78 14.66
C LEU C 145 -3.91 -12.13 13.94
N LEU C 146 -2.74 -12.49 13.39
CA LEU C 146 -2.58 -13.78 12.72
C LEU C 146 -2.80 -14.94 13.72
N THR C 147 -2.34 -14.80 14.96
CA THR C 147 -2.58 -15.79 16.03
C THR C 147 -4.09 -15.91 16.28
N ALA C 148 -4.80 -14.77 16.40
CA ALA C 148 -6.25 -14.75 16.58
C ALA C 148 -6.97 -15.45 15.41
N ILE C 149 -6.51 -15.21 14.17
CA ILE C 149 -7.07 -15.80 12.95
C ILE C 149 -6.85 -17.33 12.91
N VAL C 150 -5.68 -17.76 13.35
CA VAL C 150 -5.32 -19.18 13.46
C VAL C 150 -6.28 -19.88 14.44
N ILE C 151 -6.52 -19.27 15.61
CA ILE C 151 -7.40 -19.81 16.65
C ILE C 151 -8.84 -19.91 16.14
N LEU C 152 -9.31 -18.84 15.50
CA LEU C 152 -10.67 -18.76 14.99
C LEU C 152 -10.78 -19.29 13.56
N SER C 153 -10.12 -20.42 13.27
CA SER C 153 -10.19 -21.06 11.96
C SER C 153 -11.46 -21.91 11.91
N PRO C 154 -12.41 -21.62 10.99
CA PRO C 154 -13.65 -22.41 10.97
C PRO C 154 -13.49 -23.79 10.35
N ASP C 155 -12.32 -24.04 9.71
CA ASP C 155 -11.96 -25.25 8.98
C ASP C 155 -11.38 -26.38 9.85
N ARG C 156 -11.56 -26.31 11.17
CA ARG C 156 -10.99 -27.33 12.07
C ARG C 156 -11.84 -28.58 12.15
N GLN C 157 -11.21 -29.73 12.55
CA GLN C 157 -11.93 -30.99 12.71
C GLN C 157 -12.84 -30.95 13.95
N TYR C 158 -14.03 -31.56 13.84
CA TYR C 158 -15.12 -31.70 14.83
C TYR C 158 -15.90 -30.40 15.11
N ILE C 159 -15.69 -29.33 14.31
CA ILE C 159 -16.45 -28.08 14.48
C ILE C 159 -17.87 -28.29 13.96
N LYS C 160 -18.86 -28.13 14.84
CA LYS C 160 -20.28 -28.31 14.52
C LYS C 160 -20.84 -27.13 13.73
N ASP C 161 -20.59 -25.90 14.22
CA ASP C 161 -21.10 -24.68 13.60
C ASP C 161 -19.93 -23.84 13.06
N ARG C 162 -19.50 -24.10 11.80
CA ARG C 162 -18.38 -23.38 11.22
C ARG C 162 -18.71 -21.92 10.88
N GLU C 163 -19.99 -21.62 10.56
CA GLU C 163 -20.44 -20.26 10.25
C GLU C 163 -20.26 -19.33 11.46
N ALA C 164 -20.55 -19.82 12.68
CA ALA C 164 -20.38 -19.07 13.93
C ALA C 164 -18.91 -18.65 14.12
N VAL C 165 -17.96 -19.55 13.80
CA VAL C 165 -16.52 -19.30 13.89
C VAL C 165 -16.12 -18.29 12.81
N GLU C 166 -16.58 -18.53 11.57
CA GLU C 166 -16.34 -17.68 10.40
C GLU C 166 -16.72 -16.21 10.71
N LYS C 167 -17.87 -16.00 11.39
CA LYS C 167 -18.37 -14.69 11.80
C LYS C 167 -17.40 -13.95 12.73
N LEU C 168 -16.73 -14.68 13.62
CA LEU C 168 -15.76 -14.12 14.58
C LEU C 168 -14.40 -13.84 13.93
N GLN C 169 -14.00 -14.67 12.96
CA GLN C 169 -12.71 -14.53 12.26
C GLN C 169 -12.70 -13.35 11.28
N GLU C 170 -13.83 -13.10 10.56
CA GLU C 170 -13.97 -12.03 9.56
C GLU C 170 -13.51 -10.64 10.03
N PRO C 171 -13.93 -10.09 11.20
CA PRO C 171 -13.42 -8.76 11.63
C PRO C 171 -11.91 -8.69 11.80
N LEU C 172 -11.28 -9.81 12.25
CA LEU C 172 -9.84 -9.89 12.47
C LEU C 172 -9.08 -9.93 11.16
N LEU C 173 -9.62 -10.66 10.16
CA LEU C 173 -9.06 -10.71 8.82
C LEU C 173 -9.10 -9.30 8.18
N ASP C 174 -10.20 -8.57 8.41
CA ASP C 174 -10.38 -7.21 7.90
C ASP C 174 -9.35 -6.22 8.48
N VAL C 175 -9.08 -6.30 9.80
CA VAL C 175 -8.08 -5.46 10.47
C VAL C 175 -6.67 -5.80 9.94
N LEU C 176 -6.35 -7.11 9.85
CA LEU C 176 -5.05 -7.53 9.36
C LEU C 176 -4.78 -7.07 7.93
N GLN C 177 -5.77 -7.18 7.03
CA GLN C 177 -5.65 -6.72 5.66
C GLN C 177 -5.32 -5.23 5.61
N LYS C 178 -5.98 -4.42 6.47
CA LYS C 178 -5.72 -2.98 6.55
C LYS C 178 -4.30 -2.72 7.02
N LEU C 179 -3.85 -3.42 8.06
CA LEU C 179 -2.49 -3.32 8.59
C LEU C 179 -1.42 -3.64 7.55
N CYS C 180 -1.64 -4.70 6.73
CA CYS C 180 -0.72 -5.07 5.65
C CYS C 180 -0.63 -3.94 4.61
N LYS C 181 -1.79 -3.33 4.28
CA LYS C 181 -1.88 -2.21 3.33
C LYS C 181 -1.19 -0.94 3.87
N ILE C 182 -1.15 -0.77 5.21
CA ILE C 182 -0.53 0.36 5.90
C ILE C 182 0.99 0.15 6.08
N HIS C 183 1.40 -0.92 6.79
CA HIS C 183 2.81 -1.22 7.13
C HIS C 183 3.66 -1.74 5.97
N GLN C 184 3.05 -2.41 4.98
CA GLN C 184 3.77 -2.91 3.79
C GLN C 184 3.07 -2.42 2.51
N PRO C 185 3.10 -1.10 2.21
CA PRO C 185 2.41 -0.60 1.01
C PRO C 185 3.14 -0.88 -0.31
N GLU C 186 4.48 -1.10 -0.24
CA GLU C 186 5.31 -1.40 -1.40
C GLU C 186 5.11 -2.86 -1.87
N ASN C 187 4.66 -3.73 -0.93
CA ASN C 187 4.37 -5.15 -1.19
C ASN C 187 2.84 -5.37 -1.09
N PRO C 188 2.10 -5.24 -2.21
CA PRO C 188 0.63 -5.41 -2.12
C PRO C 188 0.15 -6.85 -2.00
N GLN C 189 1.06 -7.84 -2.10
CA GLN C 189 0.73 -9.26 -1.95
C GLN C 189 0.95 -9.73 -0.50
N HIS C 190 1.38 -8.79 0.37
CA HIS C 190 1.70 -9.07 1.75
C HIS C 190 0.62 -9.83 2.52
N PHE C 191 -0.67 -9.37 2.51
CA PHE C 191 -1.78 -10.05 3.22
C PHE C 191 -1.95 -11.50 2.76
N ALA C 192 -1.85 -11.71 1.43
CA ALA C 192 -1.95 -13.01 0.79
C ALA C 192 -0.79 -13.91 1.26
N CYS C 193 0.43 -13.36 1.37
CA CYS C 193 1.59 -14.11 1.87
C CYS C 193 1.41 -14.56 3.32
N LEU C 194 0.70 -13.76 4.19
CA LEU C 194 0.45 -14.15 5.58
C LEU C 194 -0.57 -15.27 5.63
N LEU C 195 -1.61 -15.17 4.79
CA LEU C 195 -2.65 -16.21 4.77
C LEU C 195 -2.09 -17.55 4.25
N GLY C 196 -1.11 -17.47 3.34
CA GLY C 196 -0.44 -18.66 2.84
C GLY C 196 0.38 -19.36 3.91
N ARG C 197 0.89 -18.59 4.91
CA ARG C 197 1.66 -19.08 6.06
C ARG C 197 0.88 -20.04 6.95
N LEU C 198 -0.44 -19.85 6.99
CA LEU C 198 -1.37 -20.65 7.78
C LEU C 198 -1.46 -22.04 7.23
N THR C 199 -1.27 -22.19 5.91
CA THR C 199 -1.25 -23.50 5.28
C THR C 199 0.05 -24.21 5.69
N GLU C 200 1.16 -23.45 5.70
CA GLU C 200 2.47 -23.98 6.08
C GLU C 200 2.50 -24.38 7.56
N LEU C 201 1.85 -23.60 8.44
CA LEU C 201 1.74 -23.87 9.88
C LEU C 201 1.04 -25.17 10.19
N ARG C 202 0.03 -25.51 9.39
CA ARG C 202 -0.74 -26.73 9.60
C ARG C 202 0.10 -27.99 9.50
N THR C 203 1.20 -27.95 8.72
CA THR C 203 2.11 -29.09 8.55
C THR C 203 2.72 -29.50 9.90
N PHE C 204 3.02 -28.51 10.76
CA PHE C 204 3.61 -28.76 12.08
C PHE C 204 2.69 -29.53 12.99
N ASN C 205 1.38 -29.23 12.92
CA ASN C 205 0.39 -29.88 13.76
C ASN C 205 0.29 -31.35 13.40
N HIS C 206 0.33 -31.67 12.09
CA HIS C 206 0.22 -33.05 11.59
C HIS C 206 1.29 -34.00 12.13
N HIS C 207 2.56 -33.59 12.18
CA HIS C 207 3.64 -34.48 12.65
C HIS C 207 4.21 -34.11 14.03
N HIS C 208 3.43 -33.40 14.84
CA HIS C 208 3.87 -32.95 16.16
C HIS C 208 4.24 -34.08 17.11
N ALA C 209 3.36 -35.10 17.28
CA ALA C 209 3.64 -36.21 18.20
C ALA C 209 4.87 -37.01 17.72
N GLU C 210 5.02 -37.19 16.41
CA GLU C 210 6.16 -37.90 15.81
C GLU C 210 7.45 -37.11 16.09
N MET C 211 7.40 -35.77 15.94
CA MET C 211 8.53 -34.89 16.23
C MET C 211 8.92 -35.02 17.71
N LEU C 212 7.96 -34.94 18.64
CA LEU C 212 8.20 -35.03 20.10
C LEU C 212 8.76 -36.37 20.53
N MET C 213 8.23 -37.48 19.96
CA MET C 213 8.66 -38.83 20.30
C MET C 213 10.05 -39.16 19.72
N SER C 214 10.53 -38.35 18.75
CA SER C 214 11.86 -38.46 18.13
C SER C 214 12.94 -37.83 19.04
N TRP C 215 12.54 -37.11 20.14
CA TRP C 215 13.49 -36.50 21.08
C TRP C 215 14.41 -37.56 21.66
N ARG C 216 15.72 -37.30 21.64
CA ARG C 216 16.72 -38.25 22.12
C ARG C 216 16.78 -38.25 23.64
N VAL C 217 15.69 -38.74 24.28
CA VAL C 217 15.53 -38.83 25.74
C VAL C 217 14.97 -40.21 26.10
N ASN C 218 15.22 -40.66 27.33
CA ASN C 218 14.75 -41.97 27.77
C ASN C 218 13.23 -41.98 28.03
N ASP C 219 12.72 -40.91 28.67
CA ASP C 219 11.32 -40.79 29.04
C ASP C 219 10.70 -39.53 28.48
N HIS C 220 9.61 -39.71 27.73
CA HIS C 220 8.88 -38.62 27.11
C HIS C 220 7.69 -38.27 28.02
N LYS C 221 7.98 -37.62 29.17
CA LYS C 221 6.98 -37.24 30.15
C LYS C 221 6.41 -35.86 29.83
N PHE C 222 5.09 -35.79 29.62
CA PHE C 222 4.39 -34.54 29.36
C PHE C 222 3.48 -34.22 30.53
N THR C 223 3.24 -32.93 30.78
CA THR C 223 2.38 -32.43 31.86
C THR C 223 0.90 -32.81 31.55
N PRO C 224 0.01 -32.97 32.56
CA PRO C 224 -1.41 -33.29 32.24
C PRO C 224 -2.10 -32.33 31.27
N LEU C 225 -1.78 -31.03 31.32
CA LEU C 225 -2.34 -30.04 30.39
C LEU C 225 -1.89 -30.30 28.95
N LEU C 226 -0.60 -30.64 28.77
CA LEU C 226 -0.07 -30.95 27.44
C LEU C 226 -0.68 -32.23 26.88
N CYS C 227 -0.94 -33.24 27.74
CA CYS C 227 -1.58 -34.50 27.31
C CYS C 227 -2.98 -34.22 26.77
N GLU C 228 -3.70 -33.26 27.39
CA GLU C 228 -5.04 -32.87 26.96
C GLU C 228 -5.04 -32.17 25.61
N ILE C 229 -4.20 -31.15 25.46
CA ILE C 229 -4.22 -30.34 24.27
C ILE C 229 -3.50 -31.02 23.08
N TRP C 230 -2.42 -31.77 23.32
CA TRP C 230 -1.68 -32.47 22.26
C TRP C 230 -2.14 -33.93 22.20
N ASP C 231 -1.69 -34.67 21.18
CA ASP C 231 -2.07 -36.07 21.09
C ASP C 231 -0.95 -36.99 21.61
N VAL C 232 -0.64 -36.81 22.92
CA VAL C 232 0.40 -37.54 23.66
C VAL C 232 -0.17 -38.19 24.95
N GLN C 233 0.52 -39.21 25.49
CA GLN C 233 0.09 -39.94 26.69
C GLN C 233 1.03 -39.78 27.88
N HIS D 3 -11.61 -33.72 28.80
CA HIS D 3 -10.64 -32.63 28.87
C HIS D 3 -11.06 -31.56 29.89
N GLN D 4 -11.07 -31.95 31.17
CA GLN D 4 -11.50 -31.06 32.25
C GLN D 4 -10.54 -29.90 32.56
N LEU D 5 -9.24 -30.00 32.23
CA LEU D 5 -8.31 -28.89 32.46
C LEU D 5 -8.57 -27.72 31.52
N LEU D 6 -8.78 -28.00 30.22
CA LEU D 6 -9.12 -26.98 29.23
C LEU D 6 -10.49 -26.38 29.56
N ARG D 7 -11.45 -27.23 29.96
CA ARG D 7 -12.79 -26.80 30.35
C ARG D 7 -12.69 -25.88 31.56
N TYR D 8 -11.82 -26.22 32.54
CA TYR D 8 -11.58 -25.40 33.75
C TYR D 8 -11.05 -24.03 33.40
N LEU D 9 -9.98 -23.98 32.56
CA LEU D 9 -9.35 -22.73 32.14
C LEU D 9 -10.29 -21.84 31.34
N LEU D 10 -11.19 -22.42 30.54
CA LEU D 10 -12.16 -21.67 29.75
C LEU D 10 -13.29 -21.10 30.62
N ASP D 11 -13.75 -21.89 31.62
CA ASP D 11 -14.88 -21.51 32.49
C ASP D 11 -14.50 -20.75 33.76
N LYS D 12 -13.20 -20.67 34.12
CA LYS D 12 -12.80 -19.92 35.31
C LYS D 12 -12.99 -18.41 35.09
N ASP D 13 -13.08 -17.63 36.20
CA ASP D 13 -13.32 -16.17 36.25
C ASP D 13 -14.77 -15.85 35.88
N1 9MY E . 1.33 12.88 -9.25
N3 9MY E . 0.09 11.79 -10.82
C4 9MY E . 2.22 12.13 -10.05
C5 9MY E . 1.43 11.48 -10.99
C6 9MY E . 2.73 14.82 -8.63
C7 9MY E . 1.65 13.79 -8.11
C8 9MY E . 3.60 11.99 -10.00
C10 9MY E . 2.03 10.64 -11.93
C13 9MY E . 3.40 10.49 -11.88
C15 9MY E . -1.63 12.84 -7.89
C17 9MY E . 3.07 16.65 -10.26
C21 9MY E . 3.87 18.29 -12.61
C22 9MY E . 2.19 17.78 -10.77
C24 9MY E . 2.98 18.87 -11.50
C28 9MY E . -2.03 13.81 -6.95
C31 9MY E . -1.53 15.37 -10.41
O20 9MY E . -0.94 14.69 -9.30
C9 9MY E . -1.20 13.24 -9.28
C2 9MY E . 0.06 12.62 -9.79
F19 9MY E . 4.01 9.69 -12.78
C12 9MY E . 4.17 11.15 -10.94
F18 9MY E . 5.51 10.97 -10.95
C16 9MY E . 1.84 13.14 -6.70
C29 9MY E . 2.17 11.66 -6.73
C35 9MY E . 2.11 11.04 -5.32
C37 9MY E . 3.07 11.75 -4.36
C34 9MY E . 2.86 13.31 -4.34
C30 9MY E . 2.81 13.90 -5.79
O14 9MY E . 3.86 14.86 -8.17
N11 9MY E . 2.28 15.62 -9.61
O26 9MY E . 4.77 19.31 -13.12
C25 9MY E . 4.72 17.12 -12.09
C23 9MY E . 3.86 16.06 -11.41
C27 9MY E . -1.67 11.49 -7.51
C33 9MY E . -2.07 11.13 -6.23
C36 9MY E . -2.44 12.10 -5.32
C32 9MY E . -2.43 13.43 -5.68
N1 9MY F . 11.72 -23.51 20.40
N3 9MY F . 11.50 -22.98 18.23
C4 9MY F . 12.28 -22.23 20.23
C5 9MY F . 12.15 -21.94 18.88
C6 9MY F . 10.82 -23.35 22.69
C7 9MY F . 11.58 -24.28 21.65
C8 9MY F . 12.89 -21.35 21.12
C10 9MY F . 12.61 -20.73 18.38
C13 9MY F . 13.22 -19.86 19.25
C15 9MY F . 11.40 -26.43 18.98
C17 9MY F . 8.67 -22.16 23.04
C21 9MY F . 6.48 -20.16 23.41
C22 9MY F . 7.22 -22.56 22.82
C24 9MY F . 6.25 -21.69 23.66
C28 9MY F . 10.89 -27.57 19.60
C31 9MY F . 8.18 -24.96 19.15
O20 9MY F . 9.42 -25.25 19.78
C9 9MY F . 10.55 -25.18 18.87
C2 9MY F . 11.26 -23.88 19.15
F19 9MY F . 13.69 -18.69 18.80
C12 9MY F . 13.36 -20.16 20.60
F18 9MY F . 13.97 -19.27 21.41
C16 9MY F . 12.83 -25.12 22.09
C29 9MY F . 14.16 -24.65 21.50
C35 9MY F . 15.25 -25.70 21.71
C37 9MY F . 15.44 -26.03 23.21
C34 9MY F . 14.07 -26.37 23.93
C30 9MY F . 12.96 -25.33 23.60
O14 9MY F . 11.32 -22.98 23.74
N11 9MY F . 9.58 -23.01 22.28
O26 9MY F . 5.77 -19.40 24.42
C25 9MY F . 7.97 -19.77 23.49
C23 9MY F . 8.85 -20.70 22.65
C27 9MY F . 12.68 -26.49 18.46
C33 9MY F . 13.44 -27.63 18.56
C36 9MY F . 12.93 -28.75 19.19
C32 9MY F . 11.66 -28.72 19.71
#